data_4NNM
#
_entry.id   4NNM
#
_cell.length_a   27.009
_cell.length_b   35.043
_cell.length_c   65.626
_cell.angle_alpha   79.62
_cell.angle_beta   87.61
_cell.angle_gamma   90.00
#
_symmetry.space_group_name_H-M   'P 1'
#
loop_
_entity.id
_entity.type
_entity.pdbx_description
1 polymer 'Tax1-binding protein 3'
2 polymer 'TIP-1 PDZ domain'
3 non-polymer GLYCEROL
4 water water
#
loop_
_entity_poly.entity_id
_entity_poly.type
_entity_poly.pdbx_seq_one_letter_code
_entity_poly.pdbx_strand_id
1 'polypeptide(L)'
;VTAVVQRVEIHKLRQGENLILGFSIGGGIDQDPSQNPFSEDKTDKGIYVTRVSEGGPAEIAGLQIGDKIMQVNGWDMTMV
THDQARKRLTKRSEEVVRLLVTRQSLQKAVQQ
;
A,B
2 'polypeptide(L)' YPTSII C,D
#
loop_
_chem_comp.id
_chem_comp.type
_chem_comp.name
_chem_comp.formula
GOL non-polymer GLYCEROL 'C3 H8 O3'
#
# COMPACT_ATOMS: atom_id res chain seq x y z
N THR A 2 -10.94 9.19 -17.41
CA THR A 2 -11.93 8.12 -17.42
C THR A 2 -11.91 7.33 -16.11
N ALA A 3 -12.90 6.47 -15.94
CA ALA A 3 -13.01 5.70 -14.70
C ALA A 3 -12.38 4.32 -14.88
N VAL A 4 -11.42 4.00 -14.02
CA VAL A 4 -10.81 2.67 -14.04
C VAL A 4 -11.32 1.88 -12.84
N VAL A 5 -11.63 0.62 -13.06
CA VAL A 5 -12.11 -0.26 -12.00
C VAL A 5 -10.95 -0.75 -11.14
N GLN A 6 -11.13 -0.65 -9.82
CA GLN A 6 -10.16 -1.18 -8.89
C GLN A 6 -10.88 -2.11 -7.93
N ARG A 7 -10.25 -3.23 -7.61
CA ARG A 7 -10.79 -4.14 -6.62
C ARG A 7 -9.85 -4.11 -5.43
N VAL A 8 -10.36 -3.65 -4.28
CA VAL A 8 -9.54 -3.42 -3.10
C VAL A 8 -9.99 -4.40 -2.02
N GLU A 9 -9.03 -4.98 -1.31
CA GLU A 9 -9.37 -5.90 -0.22
C GLU A 9 -8.84 -5.35 1.10
N ILE A 10 -9.77 -5.00 1.99
CA ILE A 10 -9.43 -4.35 3.24
C ILE A 10 -9.58 -5.33 4.40
N HIS A 11 -8.54 -5.43 5.20
CA HIS A 11 -8.62 -6.21 6.43
C HIS A 11 -8.77 -5.25 7.58
N LYS A 12 -9.93 -5.29 8.22
CA LYS A 12 -10.25 -4.35 9.27
C LYS A 12 -9.26 -4.50 10.41
N LEU A 13 -8.99 -3.38 11.07
CA LEU A 13 -8.02 -3.31 12.16
C LEU A 13 -8.78 -3.13 13.46
N ARG A 14 -8.54 -3.99 14.43
CA ARG A 14 -9.17 -3.77 15.72
C ARG A 14 -8.55 -2.55 16.39
N GLN A 15 -9.41 -1.64 16.84
CA GLN A 15 -9.02 -0.46 17.61
C GLN A 15 -9.97 -0.40 18.80
N GLY A 16 -9.55 -0.98 19.92
CA GLY A 16 -10.46 -1.09 21.04
C GLY A 16 -11.61 -2.02 20.69
N GLU A 17 -12.84 -1.54 20.89
CA GLU A 17 -14.06 -2.31 20.67
C GLU A 17 -14.39 -2.52 19.19
N ASN A 18 -13.83 -1.64 18.36
CA ASN A 18 -14.26 -1.57 16.98
C ASN A 18 -13.27 -2.15 15.97
N LEU A 19 -13.79 -2.61 14.84
CA LEU A 19 -12.97 -3.02 13.70
C LEU A 19 -13.09 -1.92 12.67
N ILE A 20 -12.01 -1.18 12.47
CA ILE A 20 -12.06 0.01 11.62
C ILE A 20 -11.48 -0.23 10.24
N LEU A 21 -11.94 0.56 9.29
CA LEU A 21 -11.44 0.52 7.91
C LEU A 21 -10.44 1.64 7.61
N GLY A 22 -10.54 2.75 8.36
CA GLY A 22 -9.62 3.85 8.18
C GLY A 22 -9.91 4.74 6.98
N PHE A 23 -11.19 5.02 6.72
CA PHE A 23 -11.53 6.04 5.73
C PHE A 23 -12.88 6.70 6.01
N SER A 24 -13.21 7.73 5.25
CA SER A 24 -14.48 8.41 5.43
C SER A 24 -15.25 8.37 4.11
N ILE A 25 -16.56 8.38 4.22
CA ILE A 25 -17.42 8.40 3.04
C ILE A 25 -18.36 9.59 3.04
N GLY A 26 -18.68 10.03 1.83
CA GLY A 26 -19.77 10.97 1.62
C GLY A 26 -20.72 10.40 0.58
N GLY A 27 -21.89 10.99 0.46
CA GLY A 27 -22.83 10.61 -0.60
C GLY A 27 -24.00 9.79 -0.13
N GLY A 28 -24.74 9.24 -1.11
CA GLY A 28 -25.94 8.49 -0.82
C GLY A 28 -27.16 9.16 -1.44
N ILE A 29 -28.23 8.39 -1.65
CA ILE A 29 -29.42 8.93 -2.31
C ILE A 29 -30.18 9.98 -1.52
N ASP A 30 -29.87 10.14 -0.24
CA ASP A 30 -30.56 11.11 0.59
C ASP A 30 -29.71 12.36 0.81
N GLN A 31 -28.59 12.45 0.11
CA GLN A 31 -27.68 13.60 0.30
C GLN A 31 -27.61 14.40 -0.98
N ASP A 32 -27.19 15.67 -0.87
CA ASP A 32 -27.12 16.57 -2.02
C ASP A 32 -25.85 16.34 -2.85
N PRO A 33 -26.01 15.68 -4.02
CA PRO A 33 -24.89 15.30 -4.89
C PRO A 33 -24.08 16.47 -5.44
N SER A 34 -24.67 17.65 -5.50
CA SER A 34 -23.98 18.83 -6.03
C SER A 34 -22.85 19.27 -5.10
N GLN A 35 -22.88 18.76 -3.86
CA GLN A 35 -21.89 19.11 -2.83
C GLN A 35 -20.67 18.19 -2.83
N ASN A 36 -20.65 17.24 -3.75
CA ASN A 36 -19.57 16.27 -3.86
C ASN A 36 -18.47 16.82 -4.75
N PRO A 37 -17.29 17.08 -4.18
CA PRO A 37 -16.19 17.65 -4.95
C PRO A 37 -15.48 16.64 -5.84
N PHE A 38 -15.82 15.35 -5.72
CA PHE A 38 -15.07 14.30 -6.39
C PHE A 38 -15.77 13.73 -7.62
N SER A 39 -17.08 13.90 -7.70
CA SER A 39 -17.85 13.33 -8.79
C SER A 39 -17.65 14.10 -10.09
N GLU A 40 -17.77 13.39 -11.21
CA GLU A 40 -17.72 14.00 -12.53
C GLU A 40 -19.13 14.51 -12.84
N ASP A 41 -20.13 13.70 -12.48
CA ASP A 41 -21.53 14.05 -12.66
C ASP A 41 -22.11 14.50 -11.33
N LYS A 42 -22.50 15.77 -11.23
CA LYS A 42 -23.01 16.32 -9.98
C LYS A 42 -24.42 15.89 -9.61
N THR A 43 -24.99 14.98 -10.40
CA THR A 43 -26.24 14.32 -10.01
C THR A 43 -25.96 12.91 -9.50
N ASP A 44 -24.67 12.56 -9.41
CA ASP A 44 -24.25 11.24 -8.97
C ASP A 44 -24.40 11.12 -7.46
N LYS A 45 -25.38 10.33 -7.01
CA LYS A 45 -25.68 10.23 -5.59
C LYS A 45 -24.97 9.04 -4.96
N GLY A 46 -23.91 8.57 -5.62
CA GLY A 46 -23.19 7.40 -5.12
C GLY A 46 -22.33 7.70 -3.90
N ILE A 47 -21.72 6.64 -3.39
CA ILE A 47 -20.85 6.72 -2.22
C ILE A 47 -19.41 6.95 -2.63
N TYR A 48 -18.80 8.00 -2.10
CA TYR A 48 -17.43 8.37 -2.46
C TYR A 48 -16.55 8.36 -1.24
N VAL A 49 -15.29 7.98 -1.43
CA VAL A 49 -14.28 8.09 -0.39
C VAL A 49 -13.86 9.55 -0.28
N THR A 50 -14.01 10.14 0.90
CA THR A 50 -13.70 11.57 1.06
C THR A 50 -12.39 11.84 1.80
N ARG A 51 -11.86 10.80 2.45
CA ARG A 51 -10.64 10.95 3.24
C ARG A 51 -10.12 9.55 3.50
N VAL A 52 -8.80 9.43 3.63
CA VAL A 52 -8.19 8.15 3.94
C VAL A 52 -7.14 8.35 5.01
N SER A 53 -7.15 7.48 6.02
CA SER A 53 -6.29 7.67 7.18
C SER A 53 -4.89 7.10 6.96
N GLU A 54 -3.87 7.92 7.25
CA GLU A 54 -2.49 7.47 7.19
C GLU A 54 -2.25 6.19 7.99
N GLY A 55 -1.75 5.16 7.32
CA GLY A 55 -1.38 3.92 7.98
C GLY A 55 -2.55 3.02 8.34
N GLY A 56 -3.76 3.41 7.93
CA GLY A 56 -4.94 2.62 8.19
C GLY A 56 -5.11 1.51 7.17
N PRO A 57 -6.07 0.60 7.41
CA PRO A 57 -6.28 -0.53 6.50
C PRO A 57 -6.62 -0.10 5.09
N ALA A 58 -7.41 0.97 4.94
CA ALA A 58 -7.83 1.42 3.62
C ALA A 58 -6.64 1.95 2.81
N GLU A 59 -5.81 2.77 3.45
CA GLU A 59 -4.64 3.29 2.77
C GLU A 59 -3.73 2.16 2.30
N ILE A 60 -3.45 1.22 3.19
CA ILE A 60 -2.55 0.13 2.87
C ILE A 60 -3.11 -0.69 1.71
N ALA A 61 -4.43 -0.86 1.68
CA ALA A 61 -5.07 -1.65 0.63
C ALA A 61 -5.14 -0.93 -0.70
N GLY A 62 -4.79 0.35 -0.71
CA GLY A 62 -4.79 1.12 -1.95
C GLY A 62 -6.01 1.97 -2.24
N LEU A 63 -6.91 2.11 -1.26
CA LEU A 63 -8.07 2.96 -1.47
C LEU A 63 -7.60 4.42 -1.55
N GLN A 64 -8.23 5.23 -2.39
CA GLN A 64 -7.83 6.63 -2.57
C GLN A 64 -9.01 7.59 -2.42
N ILE A 65 -8.72 8.81 -1.93
CA ILE A 65 -9.74 9.83 -1.85
C ILE A 65 -10.31 10.04 -3.25
N GLY A 66 -11.63 10.18 -3.35
CA GLY A 66 -12.28 10.36 -4.64
C GLY A 66 -12.81 9.08 -5.26
N ASP A 67 -12.38 7.92 -4.75
CA ASP A 67 -12.87 6.64 -5.29
C ASP A 67 -14.37 6.52 -5.11
N LYS A 68 -15.06 5.99 -6.13
CA LYS A 68 -16.48 5.73 -6.01
C LYS A 68 -16.71 4.27 -5.68
N ILE A 69 -17.45 4.02 -4.61
CA ILE A 69 -17.66 2.66 -4.16
C ILE A 69 -18.87 2.05 -4.86
N MET A 70 -18.64 1.03 -5.67
CA MET A 70 -19.69 0.38 -6.43
C MET A 70 -20.32 -0.75 -5.63
N GLN A 71 -19.48 -1.51 -4.96
CA GLN A 71 -19.89 -2.68 -4.21
C GLN A 71 -19.10 -2.86 -2.92
N VAL A 72 -19.76 -3.36 -1.89
CA VAL A 72 -19.06 -3.79 -0.67
C VAL A 72 -19.44 -5.23 -0.41
N ASN A 73 -18.45 -6.11 -0.41
CA ASN A 73 -18.69 -7.54 -0.32
C ASN A 73 -19.87 -7.81 -1.21
N GLY A 74 -19.96 -7.30 -2.40
CA GLY A 74 -21.18 -7.55 -3.15
C GLY A 74 -22.52 -6.90 -2.92
N TRP A 75 -22.65 -5.96 -2.02
CA TRP A 75 -23.83 -5.21 -1.90
C TRP A 75 -23.60 -4.04 -2.78
N ASP A 76 -24.58 -3.78 -3.63
CA ASP A 76 -24.55 -2.56 -4.42
C ASP A 76 -24.53 -1.33 -3.54
N MET A 77 -23.73 -0.34 -3.94
CA MET A 77 -23.64 0.89 -3.18
C MET A 77 -23.98 2.10 -4.04
N THR A 78 -24.55 1.87 -5.23
CA THR A 78 -24.85 2.95 -6.16
C THR A 78 -26.19 3.64 -5.89
N MET A 79 -27.09 2.94 -5.22
CA MET A 79 -28.38 3.53 -4.88
C MET A 79 -28.79 3.20 -3.44
N VAL A 80 -27.94 3.54 -2.48
CA VAL A 80 -28.24 3.37 -1.07
C VAL A 80 -28.21 4.72 -0.36
N THR A 81 -28.84 4.80 0.81
CA THR A 81 -28.72 6.00 1.63
C THR A 81 -27.33 6.05 2.25
N HIS A 82 -26.97 7.20 2.79
CA HIS A 82 -25.68 7.37 3.43
C HIS A 82 -25.53 6.37 4.57
N ASP A 83 -26.56 6.28 5.40
CA ASP A 83 -26.55 5.39 6.55
C ASP A 83 -26.47 3.92 6.13
N GLN A 84 -27.19 3.56 5.09
CA GLN A 84 -27.15 2.19 4.58
C GLN A 84 -25.72 1.82 4.17
N ALA A 85 -25.05 2.73 3.48
CA ALA A 85 -23.66 2.56 3.09
C ALA A 85 -22.77 2.36 4.30
N ARG A 86 -22.92 3.25 5.28
CA ARG A 86 -22.15 3.19 6.50
C ARG A 86 -22.38 1.86 7.23
N LYS A 87 -23.62 1.39 7.26
CA LYS A 87 -23.91 0.12 7.93
C LYS A 87 -23.28 -1.08 7.23
N ARG A 88 -23.26 -1.07 5.90
CA ARG A 88 -22.72 -2.21 5.15
C ARG A 88 -21.22 -2.28 5.35
N LEU A 89 -20.59 -1.13 5.53
CA LEU A 89 -19.13 -1.05 5.68
C LEU A 89 -18.65 -1.42 7.08
N THR A 90 -19.54 -1.31 8.07
CA THR A 90 -19.12 -1.45 9.47
C THR A 90 -19.70 -2.66 10.20
N LYS A 91 -20.23 -3.62 9.45
CA LYS A 91 -20.72 -4.87 10.02
C LYS A 91 -19.58 -5.53 10.80
N ARG A 92 -19.71 -5.56 12.11
N ARG A 92 -19.72 -5.57 12.12
CA ARG A 92 -18.63 -6.04 12.97
CA ARG A 92 -18.66 -6.04 13.00
C ARG A 92 -18.28 -7.50 12.76
C ARG A 92 -18.29 -7.50 12.77
N SER A 93 -19.22 -8.27 12.23
CA SER A 93 -18.99 -9.70 12.00
C SER A 93 -18.08 -9.93 10.80
N GLU A 94 -17.97 -8.92 9.95
CA GLU A 94 -17.10 -9.00 8.77
C GLU A 94 -15.76 -8.34 9.03
N GLU A 95 -14.71 -9.13 9.10
CA GLU A 95 -13.36 -8.58 9.28
C GLU A 95 -12.65 -8.30 7.95
N VAL A 96 -13.09 -8.95 6.88
CA VAL A 96 -12.57 -8.66 5.56
C VAL A 96 -13.67 -7.99 4.72
N VAL A 97 -13.33 -6.89 4.07
CA VAL A 97 -14.27 -6.23 3.17
C VAL A 97 -13.62 -6.01 1.83
N ARG A 98 -14.27 -6.53 0.80
CA ARG A 98 -13.77 -6.32 -0.55
C ARG A 98 -14.63 -5.27 -1.24
N LEU A 99 -13.97 -4.25 -1.76
CA LEU A 99 -14.65 -3.13 -2.38
C LEU A 99 -14.39 -3.15 -3.87
N LEU A 100 -15.46 -2.98 -4.64
CA LEU A 100 -15.31 -2.68 -6.06
C LEU A 100 -15.48 -1.18 -6.21
N VAL A 101 -14.47 -0.52 -6.73
CA VAL A 101 -14.53 0.94 -6.88
C VAL A 101 -14.19 1.34 -8.27
N THR A 102 -14.55 2.55 -8.64
CA THR A 102 -14.02 3.13 -9.87
C THR A 102 -13.22 4.37 -9.52
N ARG A 103 -12.16 4.60 -10.27
CA ARG A 103 -11.21 5.64 -9.94
C ARG A 103 -10.98 6.54 -11.15
N GLN A 104 -11.26 7.82 -10.97
CA GLN A 104 -10.99 8.82 -11.99
C GLN A 104 -9.49 8.83 -12.28
N SER A 105 -9.14 8.54 -13.53
CA SER A 105 -7.75 8.35 -13.87
C SER A 105 -7.37 9.05 -15.17
N LEU A 106 -6.07 9.22 -15.38
CA LEU A 106 -5.56 9.94 -16.54
C LEU A 106 -4.43 9.20 -17.22
N GLN A 107 -4.43 9.22 -18.55
CA GLN A 107 -3.31 8.71 -19.33
C GLN A 107 -2.08 9.53 -18.99
N LYS A 108 -1.11 8.94 -18.33
CA LYS A 108 0.08 9.71 -17.97
C LYS A 108 1.05 9.73 -19.16
N ALA A 109 2.10 10.47 -18.99
CA ALA A 109 3.16 10.59 -19.99
C ALA A 109 2.61 10.85 -21.39
N VAL A 110 1.76 11.86 -21.50
CA VAL A 110 1.22 12.28 -22.81
C VAL A 110 2.38 12.72 -23.70
N GLN A 111 3.36 13.35 -23.07
CA GLN A 111 4.66 13.60 -23.68
C GLN A 111 5.71 12.84 -22.87
N GLN A 112 6.86 12.59 -23.49
CA GLN A 112 7.93 11.82 -22.83
C GLN A 112 9.30 12.10 -23.44
N VAL B 1 32.31 4.64 7.39
CA VAL B 1 31.05 4.04 6.97
C VAL B 1 30.15 3.70 8.15
N THR B 2 28.95 4.26 8.15
CA THR B 2 27.96 3.92 9.16
C THR B 2 26.61 3.71 8.51
N ALA B 3 25.68 3.14 9.26
CA ALA B 3 24.36 2.85 8.74
C ALA B 3 23.38 3.95 9.10
N VAL B 4 22.79 4.57 8.07
CA VAL B 4 21.77 5.59 8.28
C VAL B 4 20.38 5.02 8.03
N VAL B 5 19.45 5.31 8.94
CA VAL B 5 18.08 4.83 8.81
C VAL B 5 17.31 5.61 7.76
N GLN B 6 16.65 4.89 6.86
CA GLN B 6 15.81 5.52 5.86
C GLN B 6 14.42 4.90 5.96
N ARG B 7 13.41 5.74 5.78
CA ARG B 7 12.04 5.27 5.79
C ARG B 7 11.47 5.53 4.40
N VAL B 8 11.16 4.44 3.69
CA VAL B 8 10.80 4.49 2.29
C VAL B 8 9.34 4.08 2.14
N GLU B 9 8.58 4.79 1.33
CA GLU B 9 7.18 4.44 1.12
C GLU B 9 6.97 4.07 -0.35
N ILE B 10 6.69 2.79 -0.59
CA ILE B 10 6.55 2.30 -1.95
C ILE B 10 5.08 2.08 -2.28
N HIS B 11 4.66 2.66 -3.41
CA HIS B 11 3.34 2.41 -3.96
C HIS B 11 3.47 1.42 -5.10
N LYS B 12 2.93 0.23 -4.88
CA LYS B 12 3.05 -0.86 -5.84
C LYS B 12 2.38 -0.45 -7.15
N LEU B 13 2.94 -0.91 -8.26
CA LEU B 13 2.47 -0.54 -9.58
C LEU B 13 1.85 -1.77 -10.20
N ARG B 14 0.63 -1.66 -10.71
CA ARG B 14 0.06 -2.82 -11.38
C ARG B 14 0.80 -3.07 -12.68
N GLN B 15 1.16 -4.33 -12.87
CA GLN B 15 1.74 -4.80 -14.12
C GLN B 15 1.01 -6.08 -14.45
N GLY B 16 -0.03 -6.00 -15.29
CA GLY B 16 -0.87 -7.16 -15.52
C GLY B 16 -1.57 -7.59 -14.25
N GLU B 17 -1.42 -8.86 -13.91
CA GLU B 17 -2.07 -9.45 -12.75
C GLU B 17 -1.40 -9.07 -11.43
N ASN B 18 -0.15 -8.62 -11.53
CA ASN B 18 0.64 -8.42 -10.32
C ASN B 18 0.76 -6.96 -9.91
N LEU B 19 0.98 -6.74 -8.62
CA LEU B 19 1.37 -5.44 -8.10
C LEU B 19 2.84 -5.55 -7.73
N ILE B 20 3.70 -4.87 -8.47
CA ILE B 20 5.13 -5.04 -8.33
C ILE B 20 5.76 -3.89 -7.55
N LEU B 21 6.91 -4.17 -6.95
CA LEU B 21 7.68 -3.15 -6.23
C LEU B 21 8.87 -2.68 -7.05
N GLY B 22 9.35 -3.51 -7.97
CA GLY B 22 10.46 -3.12 -8.81
C GLY B 22 11.83 -3.18 -8.14
N PHE B 23 12.07 -4.23 -7.34
CA PHE B 23 13.43 -4.48 -6.87
C PHE B 23 13.68 -5.97 -6.61
N SER B 24 14.93 -6.31 -6.28
CA SER B 24 15.27 -7.70 -5.99
C SER B 24 15.87 -7.78 -4.61
N ILE B 25 15.68 -8.92 -3.95
CA ILE B 25 16.23 -9.15 -2.62
C ILE B 25 17.12 -10.37 -2.57
N GLY B 26 18.11 -10.33 -1.69
CA GLY B 26 18.90 -11.49 -1.33
C GLY B 26 18.87 -11.63 0.19
N GLY B 27 19.25 -12.80 0.68
CA GLY B 27 19.40 -12.98 2.12
C GLY B 27 18.31 -13.82 2.75
N GLY B 28 18.24 -13.76 4.09
CA GLY B 28 17.35 -14.59 4.87
C GLY B 28 18.12 -15.59 5.72
N ILE B 29 17.49 -16.07 6.78
CA ILE B 29 18.18 -16.93 7.74
C ILE B 29 18.52 -18.30 7.20
N ASP B 30 17.99 -18.62 6.02
CA ASP B 30 18.25 -19.93 5.41
C ASP B 30 19.25 -19.84 4.25
N GLN B 31 19.79 -18.65 4.02
CA GLN B 31 20.76 -18.46 2.95
C GLN B 31 22.15 -18.23 3.52
N ASP B 32 23.16 -18.40 2.66
CA ASP B 32 24.56 -18.25 3.04
C ASP B 32 24.93 -16.79 3.11
N PRO B 33 25.07 -16.25 4.33
CA PRO B 33 25.33 -14.80 4.41
C PRO B 33 26.73 -14.40 3.93
N SER B 34 27.63 -15.36 3.79
CA SER B 34 29.00 -15.03 3.38
C SER B 34 29.04 -14.60 1.92
N GLN B 35 27.95 -14.87 1.20
CA GLN B 35 27.88 -14.60 -0.24
C GLN B 35 27.23 -13.26 -0.54
N ASN B 36 26.96 -12.49 0.51
CA ASN B 36 26.32 -11.19 0.38
C ASN B 36 27.36 -10.11 0.11
N PRO B 37 27.30 -9.49 -1.08
CA PRO B 37 28.27 -8.47 -1.45
C PRO B 37 28.14 -7.17 -0.65
N PHE B 38 26.98 -6.97 -0.02
CA PHE B 38 26.65 -5.65 0.53
C PHE B 38 26.83 -5.50 2.04
N SER B 39 26.73 -6.61 2.77
CA SER B 39 26.79 -6.56 4.23
C SER B 39 28.19 -6.24 4.74
N GLU B 40 28.24 -5.62 5.91
CA GLU B 40 29.51 -5.33 6.57
C GLU B 40 29.94 -6.55 7.39
N ASP B 41 28.97 -7.20 8.04
CA ASP B 41 29.22 -8.41 8.80
C ASP B 41 28.75 -9.61 7.99
N LYS B 42 29.69 -10.46 7.58
CA LYS B 42 29.35 -11.59 6.72
C LYS B 42 28.62 -12.73 7.43
N THR B 43 28.19 -12.48 8.67
CA THR B 43 27.29 -13.37 9.37
C THR B 43 25.88 -12.79 9.43
N ASP B 44 25.70 -11.62 8.80
CA ASP B 44 24.42 -10.94 8.74
C ASP B 44 23.53 -11.65 7.75
N LYS B 45 22.47 -12.29 8.25
CA LYS B 45 21.57 -13.07 7.42
C LYS B 45 20.32 -12.28 7.07
N GLY B 46 20.39 -10.96 7.21
CA GLY B 46 19.26 -10.10 6.91
C GLY B 46 18.91 -10.01 5.43
N ILE B 47 17.82 -9.31 5.14
CA ILE B 47 17.33 -9.15 3.76
C ILE B 47 17.93 -7.88 3.17
N TYR B 48 18.58 -8.01 2.02
CA TYR B 48 19.24 -6.89 1.37
C TYR B 48 18.68 -6.67 -0.01
N VAL B 49 18.59 -5.40 -0.40
CA VAL B 49 18.24 -5.05 -1.77
C VAL B 49 19.44 -5.32 -2.70
N THR B 50 19.22 -6.13 -3.71
CA THR B 50 20.34 -6.50 -4.60
C THR B 50 20.31 -5.83 -5.97
N ARG B 51 19.16 -5.24 -6.31
CA ARG B 51 18.99 -4.62 -7.62
C ARG B 51 17.74 -3.78 -7.53
N VAL B 52 17.69 -2.69 -8.30
CA VAL B 52 16.50 -1.84 -8.32
C VAL B 52 16.19 -1.50 -9.77
N SER B 53 14.90 -1.59 -10.13
CA SER B 53 14.51 -1.42 -11.54
C SER B 53 14.34 0.05 -11.93
N GLU B 54 14.98 0.46 -13.03
CA GLU B 54 14.82 1.82 -13.53
C GLU B 54 13.35 2.15 -13.75
N GLY B 55 12.92 3.25 -13.15
CA GLY B 55 11.56 3.73 -13.32
C GLY B 55 10.51 2.97 -12.56
N GLY B 56 10.94 2.05 -11.69
CA GLY B 56 9.98 1.29 -10.91
C GLY B 56 9.61 1.96 -9.60
N PRO B 57 8.59 1.43 -8.90
CA PRO B 57 8.14 2.04 -7.64
C PRO B 57 9.26 2.19 -6.62
N ALA B 58 10.11 1.18 -6.47
CA ALA B 58 11.20 1.24 -5.50
C ALA B 58 12.20 2.34 -5.83
N GLU B 59 12.60 2.44 -7.09
CA GLU B 59 13.56 3.46 -7.47
C GLU B 59 13.01 4.85 -7.16
N ILE B 60 11.76 5.10 -7.54
CA ILE B 60 11.17 6.41 -7.37
C ILE B 60 11.06 6.74 -5.89
N ALA B 61 10.80 5.71 -5.09
CA ALA B 61 10.65 5.87 -3.63
C ALA B 61 11.97 6.10 -2.93
N GLY B 62 13.09 5.88 -3.61
CA GLY B 62 14.40 6.15 -3.04
C GLY B 62 15.15 4.92 -2.53
N LEU B 63 14.63 3.74 -2.80
CA LEU B 63 15.34 2.54 -2.39
C LEU B 63 16.62 2.40 -3.18
N GLN B 64 17.66 1.88 -2.54
CA GLN B 64 18.98 1.74 -3.18
C GLN B 64 19.58 0.34 -3.06
N ILE B 65 20.31 -0.08 -4.09
CA ILE B 65 21.08 -1.32 -4.01
C ILE B 65 21.91 -1.31 -2.72
N GLY B 66 21.91 -2.43 -1.99
CA GLY B 66 22.68 -2.51 -0.76
C GLY B 66 21.90 -2.21 0.51
N ASP B 67 20.72 -1.62 0.37
CA ASP B 67 19.91 -1.27 1.54
C ASP B 67 19.54 -2.54 2.31
N LYS B 68 19.59 -2.48 3.64
CA LYS B 68 19.17 -3.61 4.44
C LYS B 68 17.77 -3.34 4.94
N ILE B 69 16.86 -4.26 4.67
CA ILE B 69 15.47 -4.07 5.03
C ILE B 69 15.23 -4.56 6.45
N MET B 70 14.90 -3.62 7.34
CA MET B 70 14.66 -3.93 8.75
C MET B 70 13.22 -4.35 9.01
N GLN B 71 12.30 -3.68 8.31
CA GLN B 71 10.87 -3.83 8.53
C GLN B 71 10.10 -3.60 7.23
N VAL B 72 8.99 -4.33 7.07
CA VAL B 72 8.02 -4.03 6.01
C VAL B 72 6.64 -3.97 6.64
N ASN B 73 6.00 -2.80 6.54
CA ASN B 73 4.70 -2.62 7.13
C ASN B 73 4.67 -3.25 8.51
N GLY B 74 5.69 -2.93 9.30
CA GLY B 74 5.76 -3.37 10.69
C GLY B 74 6.27 -4.77 10.95
N TRP B 75 6.46 -5.55 9.90
CA TRP B 75 6.99 -6.90 10.06
C TRP B 75 8.50 -6.92 10.08
N ASP B 76 9.07 -7.56 11.08
CA ASP B 76 10.52 -7.71 11.16
C ASP B 76 11.10 -8.45 9.95
N MET B 77 12.24 -7.98 9.44
CA MET B 77 12.98 -8.67 8.36
C MET B 77 14.31 -9.22 8.81
N THR B 78 14.67 -9.05 10.08
CA THR B 78 16.03 -9.36 10.47
C THR B 78 16.24 -10.86 10.66
N MET B 79 15.17 -11.57 10.97
CA MET B 79 15.27 -12.99 11.25
C MET B 79 14.19 -13.80 10.55
N VAL B 80 14.11 -13.63 9.23
CA VAL B 80 13.15 -14.35 8.43
C VAL B 80 13.87 -15.17 7.37
N THR B 81 13.21 -16.19 6.84
CA THR B 81 13.73 -16.91 5.69
C THR B 81 13.58 -16.05 4.44
N HIS B 82 14.33 -16.38 3.40
CA HIS B 82 14.23 -15.67 2.13
C HIS B 82 12.80 -15.67 1.63
N ASP B 83 12.15 -16.83 1.68
CA ASP B 83 10.80 -16.95 1.15
C ASP B 83 9.79 -16.17 2.00
N GLN B 84 10.01 -16.13 3.31
CA GLN B 84 9.14 -15.37 4.19
C GLN B 84 9.20 -13.88 3.86
N ALA B 85 10.41 -13.39 3.64
CA ALA B 85 10.64 -12.01 3.21
C ALA B 85 9.89 -11.70 1.92
N ARG B 86 10.09 -12.55 0.93
CA ARG B 86 9.43 -12.42 -0.36
C ARG B 86 7.91 -12.36 -0.23
N LYS B 87 7.36 -13.21 0.63
CA LYS B 87 5.91 -13.29 0.84
C LYS B 87 5.32 -12.02 1.44
N ARG B 88 6.08 -11.44 2.39
CA ARG B 88 5.67 -10.24 3.13
C ARG B 88 5.64 -9.04 2.25
N LEU B 89 6.54 -9.09 1.33
CA LEU B 89 6.76 -7.99 0.39
C LEU B 89 5.75 -8.00 -0.75
N THR B 90 5.23 -9.18 -1.07
CA THR B 90 4.38 -9.34 -2.25
C THR B 90 2.91 -9.63 -1.95
N LYS B 91 2.49 -9.41 -0.71
CA LYS B 91 1.09 -9.57 -0.34
C LYS B 91 0.21 -8.72 -1.27
N ARG B 92 -0.60 -9.39 -2.07
N ARG B 92 -0.61 -9.39 -2.06
CA ARG B 92 -1.37 -8.73 -3.13
CA ARG B 92 -1.35 -8.71 -3.12
C ARG B 92 -2.37 -7.71 -2.60
C ARG B 92 -2.35 -7.69 -2.59
N SER B 93 -2.85 -7.91 -1.38
CA SER B 93 -3.86 -7.05 -0.78
C SER B 93 -3.26 -5.74 -0.27
N GLU B 94 -1.94 -5.66 -0.24
CA GLU B 94 -1.26 -4.44 0.21
C GLU B 94 -0.69 -3.68 -0.98
N GLU B 95 -1.25 -2.50 -1.25
CA GLU B 95 -0.77 -1.70 -2.36
C GLU B 95 0.26 -0.66 -1.94
N VAL B 96 0.32 -0.38 -0.63
CA VAL B 96 1.34 0.51 -0.11
C VAL B 96 2.20 -0.26 0.89
N VAL B 97 3.52 -0.16 0.72
CA VAL B 97 4.47 -0.86 1.56
C VAL B 97 5.49 0.15 2.08
N ARG B 98 5.55 0.28 3.40
CA ARG B 98 6.55 1.14 4.02
C ARG B 98 7.70 0.29 4.53
N LEU B 99 8.90 0.62 4.06
CA LEU B 99 10.10 -0.11 4.48
C LEU B 99 10.92 0.74 5.43
N LEU B 100 11.39 0.11 6.50
CA LEU B 100 12.42 0.70 7.32
C LEU B 100 13.71 0.03 6.89
N VAL B 101 14.68 0.83 6.46
CA VAL B 101 15.94 0.28 5.97
C VAL B 101 17.10 0.98 6.63
N THR B 102 18.26 0.35 6.60
CA THR B 102 19.48 1.05 6.94
C THR B 102 20.39 1.05 5.72
N ARG B 103 21.11 2.14 5.54
CA ARG B 103 21.89 2.36 4.34
C ARG B 103 23.32 2.68 4.72
N GLN B 104 24.26 1.89 4.22
CA GLN B 104 25.67 2.20 4.38
C GLN B 104 25.94 3.55 3.76
N SER B 105 26.43 4.47 4.57
CA SER B 105 26.67 5.82 4.11
C SER B 105 28.04 6.27 4.58
N LEU B 106 28.49 7.39 4.03
CA LEU B 106 29.72 8.00 4.49
C LEU B 106 29.57 9.51 4.44
N GLN B 107 30.29 10.22 5.30
CA GLN B 107 30.21 11.66 5.31
C GLN B 107 30.99 12.21 4.12
N LYS B 108 30.30 12.93 3.24
CA LYS B 108 30.91 13.52 2.06
C LYS B 108 31.73 14.76 2.40
N ALA B 109 32.52 15.20 1.43
CA ALA B 109 33.26 16.46 1.53
C ALA B 109 34.15 16.52 2.76
N VAL B 110 34.93 15.47 2.97
CA VAL B 110 35.91 15.44 4.05
C VAL B 110 36.91 16.57 3.83
N GLN B 111 37.10 16.91 2.56
CA GLN B 111 37.87 18.10 2.17
C GLN B 111 36.96 18.92 1.27
N GLN B 112 37.18 20.23 1.21
CA GLN B 112 36.31 21.09 0.41
C GLN B 112 37.04 22.34 -0.05
N TYR C 1 -22.27 18.98 3.31
CA TYR C 1 -21.91 17.65 2.85
C TYR C 1 -21.37 16.79 3.98
N PRO C 2 -22.27 16.09 4.67
CA PRO C 2 -21.87 15.22 5.78
C PRO C 2 -21.00 14.06 5.31
N THR C 3 -19.97 13.76 6.09
CA THR C 3 -19.21 12.54 5.88
C THR C 3 -19.19 11.70 7.14
N SER C 4 -18.97 10.41 6.97
CA SER C 4 -18.92 9.48 8.08
C SER C 4 -17.56 8.79 8.16
N ILE C 5 -17.01 8.72 9.36
CA ILE C 5 -15.72 8.08 9.59
C ILE C 5 -15.92 6.60 9.93
N ILE C 6 -15.24 5.71 9.21
CA ILE C 6 -15.38 4.27 9.45
C ILE C 6 -14.03 3.55 9.45
N TYR D 1 24.41 -17.02 -4.17
CA TYR D 1 23.52 -16.03 -3.57
C TYR D 1 22.29 -15.80 -4.44
N PRO D 2 21.27 -16.64 -4.26
CA PRO D 2 19.98 -16.53 -4.94
C PRO D 2 19.26 -15.22 -4.60
N THR D 3 18.64 -14.62 -5.60
CA THR D 3 17.87 -13.41 -5.38
C THR D 3 16.47 -13.57 -5.97
N SER D 4 15.54 -12.77 -5.46
CA SER D 4 14.15 -12.83 -5.89
C SER D 4 13.68 -11.48 -6.39
N ILE D 5 12.99 -11.49 -7.54
CA ILE D 5 12.48 -10.28 -8.17
C ILE D 5 11.07 -10.01 -7.68
N ILE D 6 10.81 -8.81 -7.14
CA ILE D 6 9.48 -8.47 -6.66
C ILE D 6 9.00 -7.09 -7.10
C1 GOL E . -4.68 6.83 -11.23
O1 GOL E . -4.99 7.76 -10.22
C2 GOL E . -3.94 7.51 -12.37
O2 GOL E . -4.84 8.28 -13.13
C3 GOL E . -3.23 6.49 -13.25
O3 GOL E . -3.79 6.47 -14.55
C1 GOL F . 1.29 -12.31 -5.19
O1 GOL F . 1.04 -12.06 -3.82
C2 GOL F . 2.13 -11.18 -5.78
O2 GOL F . 3.29 -11.73 -6.40
C3 GOL F . 1.29 -10.40 -6.81
O3 GOL F . 1.33 -9.00 -6.52
#